data_1GIR
#
_entry.id   1GIR
#
_cell.length_a   59.600
_cell.length_b   88.370
_cell.length_c   93.500
_cell.angle_alpha   90.00
_cell.angle_beta   90.00
_cell.angle_gamma   90.00
#
_symmetry.space_group_name_H-M   'P 21 21 21'
#
loop_
_entity.id
_entity.type
_entity.pdbx_description
1 polymer 'IOTA TOXIN COMPONENT IA'
2 non-polymer 'NADPH DIHYDRO-NICOTINAMIDE-ADENINE-DINUCLEOTIDE PHOSPHATE'
3 water water
#
_entity_poly.entity_id   1
_entity_poly.type   'polypeptide(L)'
_entity_poly.pdbx_seq_one_letter_code
;AFIERPEDFLKDKENAIQWEKKEAERVEKNLDTLEKEALELYKKDSEQISNYSQTRQYFYDYQIESNPREKEYKNLRNAI
SKNKIDKPINVYYFESPEKFAFNKEIRTENQNEISLEKFNELKETIQDKLFKQDGFKDVSLYEPGNGDEKPTPLLIHLKL
PKNTGMLPYINSNDVKTLIEQDYSIKIDKIVRIVIEGKQYIKAEASIVNSLDFKDDVSKGDLWGKENYSDWSNKLTPNEL
ADVNDYMRGGYTAINNYLISNGPLNNPNPELDSKVNNIENALKLTPIPSNLIVYRRSGPQEFGLTLTSPEYDFNKIENID
AFKEKWEGKVITYPNFISTSIGSVNMSAFAKRKIILRINIPKDSPGAYLSAIPGYAGEYEVLLNHGSKFKINKVDSYKDG
TVTKLILDATLIN
;
_entity_poly.pdbx_strand_id   A
#
loop_
_chem_comp.id
_chem_comp.type
_chem_comp.name
_chem_comp.formula
NDP non-polymer 'NADPH DIHYDRO-NICOTINAMIDE-ADENINE-DINUCLEOTIDE PHOSPHATE' 'C21 H30 N7 O17 P3'
#
# COMPACT_ATOMS: atom_id res chain seq x y z
N ILE A 3 1.79 -2.74 34.26
CA ILE A 3 2.57 -2.46 33.03
C ILE A 3 3.95 -1.89 33.39
N GLU A 4 4.99 -2.65 33.09
CA GLU A 4 6.36 -2.24 33.38
C GLU A 4 7.01 -1.62 32.13
N ARG A 5 6.24 -0.81 31.42
CA ARG A 5 6.75 -0.18 30.20
C ARG A 5 5.95 1.06 29.80
N PRO A 6 6.65 2.14 29.40
CA PRO A 6 5.93 3.35 28.99
C PRO A 6 5.48 3.11 27.55
N GLU A 7 4.72 4.05 27.02
CA GLU A 7 4.25 3.94 25.64
C GLU A 7 5.37 4.43 24.70
N ASP A 8 6.29 5.21 25.25
CA ASP A 8 7.39 5.76 24.45
C ASP A 8 8.59 5.97 25.36
N PHE A 9 9.70 5.31 25.06
CA PHE A 9 10.88 5.47 25.91
C PHE A 9 11.58 6.80 25.63
N LEU A 10 11.14 7.46 24.56
CA LEU A 10 11.71 8.75 24.16
C LEU A 10 13.23 8.69 24.06
N LYS A 11 13.93 9.48 24.88
CA LYS A 11 15.38 9.51 24.84
C LYS A 11 16.05 8.58 25.85
N ASP A 12 15.26 7.79 26.57
CA ASP A 12 15.81 6.90 27.57
C ASP A 12 16.33 5.59 26.96
N LYS A 13 17.47 5.68 26.29
CA LYS A 13 18.12 4.55 25.64
C LYS A 13 18.37 3.36 26.57
N GLU A 14 18.98 3.64 27.73
CA GLU A 14 19.29 2.60 28.70
C GLU A 14 18.09 1.76 29.14
N ASN A 15 16.99 2.42 29.48
CA ASN A 15 15.80 1.68 29.91
C ASN A 15 15.13 0.94 28.76
N ALA A 16 15.14 1.54 27.57
CA ALA A 16 14.54 0.90 26.41
C ALA A 16 15.25 -0.43 26.12
N ILE A 17 16.58 -0.38 26.13
CA ILE A 17 17.39 -1.56 25.86
C ILE A 17 17.22 -2.62 26.94
N GLN A 18 17.22 -2.20 28.20
CA GLN A 18 17.07 -3.15 29.29
C GLN A 18 15.73 -3.86 29.18
N TRP A 19 14.67 -3.12 28.84
CA TRP A 19 13.36 -3.72 28.71
C TRP A 19 13.25 -4.62 27.49
N GLU A 20 13.81 -4.16 26.38
CA GLU A 20 13.74 -4.91 25.15
C GLU A 20 14.56 -6.19 25.17
N LYS A 21 15.70 -6.15 25.86
CA LYS A 21 16.55 -7.33 25.94
C LYS A 21 15.77 -8.40 26.69
N LYS A 22 15.07 -7.97 27.76
CA LYS A 22 14.26 -8.89 28.57
C LYS A 22 13.13 -9.47 27.72
N GLU A 23 12.47 -8.60 26.97
CA GLU A 23 11.35 -9.00 26.14
C GLU A 23 11.79 -9.98 25.03
N ALA A 24 13.00 -9.79 24.51
CA ALA A 24 13.52 -10.68 23.47
C ALA A 24 13.60 -12.11 24.00
N GLU A 25 14.18 -12.25 25.19
CA GLU A 25 14.31 -13.56 25.81
C GLU A 25 12.94 -14.17 26.11
N ARG A 26 11.97 -13.33 26.42
CA ARG A 26 10.63 -13.81 26.72
C ARG A 26 9.92 -14.32 25.46
N VAL A 27 10.01 -13.56 24.38
CA VAL A 27 9.35 -13.92 23.13
C VAL A 27 9.98 -15.13 22.42
N GLU A 28 11.29 -15.31 22.58
CA GLU A 28 11.99 -16.41 21.94
C GLU A 28 11.39 -17.75 22.39
N LYS A 29 10.85 -17.77 23.61
CA LYS A 29 10.26 -18.98 24.16
C LYS A 29 8.94 -19.36 23.47
N ASN A 30 8.40 -18.48 22.65
CA ASN A 30 7.16 -18.76 21.94
C ASN A 30 7.40 -19.09 20.46
N LEU A 31 8.66 -19.22 20.08
CA LEU A 31 9.00 -19.51 18.68
C LEU A 31 9.35 -20.96 18.39
N ASP A 32 8.98 -21.40 17.18
CA ASP A 32 9.25 -22.77 16.70
C ASP A 32 10.64 -22.83 16.12
N THR A 33 11.01 -24.05 15.70
CA THR A 33 12.29 -24.30 15.07
C THR A 33 12.28 -23.57 13.73
N LEU A 34 11.15 -23.68 13.03
CA LEU A 34 10.96 -23.06 11.72
C LEU A 34 10.99 -21.53 11.81
N GLU A 35 10.42 -21.00 12.86
CA GLU A 35 10.38 -19.56 13.05
C GLU A 35 11.79 -19.09 13.43
N LYS A 36 12.47 -19.85 14.28
CA LYS A 36 13.83 -19.51 14.68
C LYS A 36 14.74 -19.48 13.46
N GLU A 37 14.61 -20.48 12.60
CA GLU A 37 15.43 -20.55 11.40
C GLU A 37 15.16 -19.35 10.51
N ALA A 38 13.89 -19.00 10.32
CA ALA A 38 13.54 -17.85 9.51
C ALA A 38 14.22 -16.60 10.07
N LEU A 39 14.28 -16.49 11.39
CA LEU A 39 14.93 -15.34 12.02
C LEU A 39 16.44 -15.37 11.71
N GLU A 40 17.06 -16.54 11.79
CA GLU A 40 18.49 -16.65 11.49
C GLU A 40 18.79 -16.19 10.05
N LEU A 41 17.94 -16.56 9.11
CA LEU A 41 18.14 -16.16 7.72
C LEU A 41 18.01 -14.63 7.59
N TYR A 42 17.13 -14.04 8.40
CA TYR A 42 16.96 -12.60 8.36
C TYR A 42 18.23 -11.88 8.81
N LYS A 43 18.74 -12.25 9.99
CA LYS A 43 19.95 -11.63 10.48
C LYS A 43 21.13 -11.88 9.54
N LYS A 44 21.04 -12.91 8.72
CA LYS A 44 22.10 -13.22 7.77
C LYS A 44 22.01 -12.34 6.52
N ASP A 45 20.78 -12.10 6.05
CA ASP A 45 20.59 -11.25 4.86
C ASP A 45 19.23 -10.55 4.88
N SER A 46 19.16 -9.48 5.67
CA SER A 46 17.94 -8.67 5.79
C SER A 46 17.43 -8.15 4.44
N GLU A 47 18.34 -7.65 3.62
CA GLU A 47 18.02 -7.09 2.30
C GLU A 47 17.08 -7.93 1.44
N GLN A 48 17.55 -9.10 1.04
CA GLN A 48 16.80 -10.01 0.21
C GLN A 48 15.41 -10.33 0.76
N ILE A 49 15.33 -10.71 2.03
CA ILE A 49 14.05 -11.05 2.64
C ILE A 49 13.14 -9.81 2.62
N SER A 50 13.66 -8.69 3.09
CA SER A 50 12.88 -7.45 3.10
C SER A 50 12.33 -7.11 1.71
N ASN A 51 13.21 -7.11 0.72
CA ASN A 51 12.79 -6.80 -0.64
C ASN A 51 11.69 -7.75 -1.08
N TYR A 52 11.91 -9.04 -0.88
CA TYR A 52 10.89 -10.00 -1.26
C TYR A 52 9.55 -9.73 -0.59
N SER A 53 9.56 -9.37 0.69
CA SER A 53 8.33 -9.13 1.42
C SER A 53 7.50 -7.96 0.90
N GLN A 54 8.12 -7.08 0.11
CA GLN A 54 7.43 -5.90 -0.44
C GLN A 54 6.67 -6.11 -1.75
N THR A 55 7.16 -6.99 -2.61
CA THR A 55 6.56 -7.21 -3.92
C THR A 55 6.03 -8.63 -4.17
N ARG A 56 6.13 -9.46 -3.15
CA ARG A 56 5.72 -10.87 -3.20
C ARG A 56 4.34 -11.13 -3.80
N GLN A 57 3.36 -10.35 -3.38
CA GLN A 57 1.99 -10.55 -3.81
C GLN A 57 1.57 -10.16 -5.23
N TYR A 58 2.50 -9.67 -6.06
CA TYR A 58 2.14 -9.27 -7.41
C TYR A 58 2.36 -10.33 -8.52
N PHE A 59 2.91 -11.48 -8.16
CA PHE A 59 3.14 -12.51 -9.17
C PHE A 59 1.95 -13.45 -9.29
N TYR A 60 2.06 -14.48 -10.13
CA TYR A 60 0.96 -15.44 -10.29
C TYR A 60 0.86 -16.21 -8.97
N ASP A 61 -0.35 -16.64 -8.61
CA ASP A 61 -0.52 -17.40 -7.37
C ASP A 61 0.46 -18.58 -7.31
N TYR A 62 0.69 -19.23 -8.45
CA TYR A 62 1.62 -20.36 -8.48
C TYR A 62 3.09 -19.96 -8.31
N GLN A 63 3.48 -18.79 -8.83
CA GLN A 63 4.86 -18.32 -8.69
C GLN A 63 5.14 -17.97 -7.25
N ILE A 64 4.11 -17.52 -6.54
CA ILE A 64 4.27 -17.14 -5.14
C ILE A 64 4.43 -18.40 -4.28
N GLU A 65 3.56 -19.37 -4.52
CA GLU A 65 3.57 -20.62 -3.78
C GLU A 65 4.87 -21.41 -3.96
N SER A 66 5.44 -21.38 -5.16
CA SER A 66 6.65 -22.15 -5.43
C SER A 66 7.95 -21.36 -5.28
N ASN A 67 7.87 -20.10 -4.90
CA ASN A 67 9.08 -19.31 -4.74
C ASN A 67 9.81 -19.79 -3.47
N PRO A 68 11.11 -20.08 -3.59
CA PRO A 68 11.91 -20.56 -2.46
C PRO A 68 11.84 -19.66 -1.22
N ARG A 69 11.75 -18.35 -1.46
CA ARG A 69 11.69 -17.40 -0.36
C ARG A 69 10.34 -17.31 0.35
N GLU A 70 9.28 -17.78 -0.30
CA GLU A 70 7.95 -17.70 0.29
C GLU A 70 7.88 -18.36 1.67
N LYS A 71 8.47 -19.55 1.79
CA LYS A 71 8.47 -20.29 3.05
C LYS A 71 9.11 -19.48 4.17
N GLU A 72 10.22 -18.81 3.85
CA GLU A 72 10.93 -17.98 4.82
C GLU A 72 10.03 -16.82 5.24
N TYR A 73 9.38 -16.19 4.27
CA TYR A 73 8.51 -15.07 4.54
C TYR A 73 7.38 -15.44 5.50
N LYS A 74 6.66 -16.51 5.19
CA LYS A 74 5.57 -16.96 6.03
C LYS A 74 5.97 -17.23 7.47
N ASN A 75 7.07 -17.96 7.66
CA ASN A 75 7.51 -18.28 9.01
C ASN A 75 7.94 -17.06 9.80
N LEU A 76 8.62 -16.13 9.14
CA LEU A 76 9.08 -14.93 9.81
C LEU A 76 7.85 -14.10 10.16
N ARG A 77 6.89 -14.09 9.25
CA ARG A 77 5.64 -13.35 9.48
C ARG A 77 4.89 -13.95 10.67
N ASN A 78 4.82 -15.27 10.74
CA ASN A 78 4.13 -15.92 11.85
C ASN A 78 4.83 -15.57 13.15
N ALA A 79 6.16 -15.58 13.13
CA ALA A 79 6.97 -15.27 14.30
C ALA A 79 6.60 -13.92 14.88
N ILE A 80 6.45 -12.94 13.99
CA ILE A 80 6.09 -11.59 14.40
C ILE A 80 4.68 -11.51 14.98
N SER A 81 3.72 -12.19 14.34
CA SER A 81 2.34 -12.18 14.82
C SER A 81 2.19 -12.91 16.16
N LYS A 82 3.16 -13.76 16.49
CA LYS A 82 3.15 -14.50 17.75
C LYS A 82 3.12 -13.55 18.94
N ASN A 83 3.78 -12.40 18.80
CA ASN A 83 3.84 -11.44 19.89
C ASN A 83 3.15 -10.14 19.62
N LYS A 84 1.87 -10.08 19.95
CA LYS A 84 1.09 -8.87 19.78
C LYS A 84 1.22 -8.08 21.07
N ILE A 85 1.58 -6.80 20.96
CA ILE A 85 1.74 -5.98 22.14
C ILE A 85 0.39 -5.69 22.82
N ASP A 86 0.41 -5.62 24.15
CA ASP A 86 -0.79 -5.39 24.93
C ASP A 86 -1.16 -3.91 25.01
N LYS A 87 -0.18 -3.05 24.71
CA LYS A 87 -0.39 -1.61 24.75
C LYS A 87 0.32 -0.94 23.61
N PRO A 88 -0.15 0.25 23.21
CA PRO A 88 0.47 0.99 22.11
C PRO A 88 1.94 1.22 22.44
N ILE A 89 2.73 1.54 21.42
CA ILE A 89 4.15 1.82 21.62
C ILE A 89 4.63 2.67 20.45
N ASN A 90 5.60 3.54 20.72
CA ASN A 90 6.14 4.39 19.67
C ASN A 90 7.49 3.83 19.22
N VAL A 91 7.76 3.88 17.92
CA VAL A 91 9.02 3.38 17.40
C VAL A 91 9.71 4.45 16.57
N TYR A 92 11.01 4.27 16.35
CA TYR A 92 11.80 5.22 15.59
C TYR A 92 12.63 4.51 14.52
N TYR A 93 12.77 5.14 13.36
CA TYR A 93 13.56 4.58 12.28
C TYR A 93 13.80 5.63 11.20
N PHE A 94 14.98 5.57 10.59
CA PHE A 94 15.37 6.49 9.54
C PHE A 94 14.85 5.99 8.20
N GLU A 95 14.37 6.93 7.39
CA GLU A 95 13.84 6.59 6.08
C GLU A 95 14.38 7.50 5.00
N SER A 96 14.33 7.01 3.78
CA SER A 96 14.78 7.75 2.63
C SER A 96 13.66 8.68 2.17
N PRO A 97 13.97 9.95 1.89
CA PRO A 97 12.95 10.90 1.45
C PRO A 97 12.18 10.45 0.20
N GLU A 98 12.84 9.73 -0.71
CA GLU A 98 12.17 9.28 -1.93
C GLU A 98 10.98 8.40 -1.60
N LYS A 99 11.04 7.74 -0.45
CA LYS A 99 9.95 6.86 -0.05
C LYS A 99 8.64 7.65 -0.03
N PHE A 100 8.73 8.94 0.29
CA PHE A 100 7.53 9.76 0.33
C PHE A 100 7.41 10.70 -0.86
N ALA A 101 7.91 10.24 -2.01
CA ALA A 101 7.83 11.00 -3.26
C ALA A 101 8.70 12.26 -3.27
N PHE A 102 9.59 12.40 -2.31
CA PHE A 102 10.48 13.55 -2.29
C PHE A 102 11.73 13.01 -2.97
N ASN A 103 11.83 13.24 -4.28
CA ASN A 103 12.95 12.74 -5.07
C ASN A 103 14.12 13.70 -5.21
N LYS A 104 14.44 14.39 -4.12
CA LYS A 104 15.56 15.33 -4.07
C LYS A 104 16.22 15.10 -2.72
N GLU A 105 17.40 15.65 -2.51
CA GLU A 105 18.06 15.48 -1.23
C GLU A 105 17.64 16.58 -0.26
N ILE A 106 17.52 16.23 1.01
CA ILE A 106 17.14 17.22 2.02
C ILE A 106 18.39 18.08 2.20
N ARG A 107 19.53 17.41 2.21
CA ARG A 107 20.84 18.04 2.37
C ARG A 107 21.87 16.94 2.16
N THR A 108 23.15 17.30 2.29
CA THR A 108 24.23 16.33 2.14
C THR A 108 24.85 16.07 3.50
N GLU A 109 25.70 15.04 3.59
CA GLU A 109 26.35 14.73 4.86
C GLU A 109 27.23 15.92 5.23
N ASN A 110 27.87 16.50 4.21
CA ASN A 110 28.75 17.65 4.39
C ASN A 110 28.01 18.73 5.17
N GLN A 111 26.92 19.21 4.60
CA GLN A 111 26.12 20.26 5.22
C GLN A 111 25.58 19.76 6.56
N ASN A 112 25.41 20.69 7.49
CA ASN A 112 24.91 20.35 8.81
C ASN A 112 23.50 20.88 9.00
N GLU A 113 23.20 21.96 8.30
CA GLU A 113 21.88 22.56 8.40
C GLU A 113 20.99 22.21 7.22
N ILE A 114 19.70 22.45 7.38
CA ILE A 114 18.73 22.20 6.31
C ILE A 114 18.04 23.51 6.04
N SER A 115 18.34 24.10 4.88
CA SER A 115 17.74 25.37 4.50
C SER A 115 16.21 25.31 4.57
N LEU A 116 15.60 26.43 4.94
CA LEU A 116 14.15 26.49 5.05
C LEU A 116 13.49 26.14 3.73
N GLU A 117 14.17 26.40 2.62
CA GLU A 117 13.62 26.11 1.31
C GLU A 117 13.31 24.63 1.20
N LYS A 118 14.29 23.79 1.50
CA LYS A 118 14.13 22.34 1.47
C LYS A 118 13.03 21.93 2.44
N PHE A 119 13.14 22.38 3.69
CA PHE A 119 12.18 22.05 4.73
C PHE A 119 10.74 22.24 4.31
N ASN A 120 10.41 23.45 3.88
CA ASN A 120 9.05 23.77 3.46
C ASN A 120 8.64 22.96 2.24
N GLU A 121 9.60 22.69 1.35
CA GLU A 121 9.28 21.92 0.16
C GLU A 121 8.94 20.47 0.52
N LEU A 122 9.63 19.93 1.52
CA LEU A 122 9.38 18.56 1.96
C LEU A 122 8.00 18.53 2.60
N LYS A 123 7.76 19.51 3.49
CA LYS A 123 6.50 19.62 4.19
C LYS A 123 5.31 19.65 3.23
N GLU A 124 5.44 20.40 2.14
CA GLU A 124 4.38 20.51 1.15
C GLU A 124 4.25 19.21 0.34
N THR A 125 5.35 18.47 0.23
CA THR A 125 5.32 17.23 -0.53
C THR A 125 4.69 16.09 0.28
N ILE A 126 5.08 15.99 1.54
CA ILE A 126 4.56 14.94 2.41
C ILE A 126 3.60 15.52 3.44
N GLN A 127 2.85 16.54 3.03
CA GLN A 127 1.89 17.18 3.92
C GLN A 127 0.77 16.24 4.34
N ASP A 128 -0.34 16.26 3.60
CA ASP A 128 -1.47 15.40 3.90
C ASP A 128 -1.73 14.35 2.84
N LYS A 129 -0.90 13.31 2.85
CA LYS A 129 -1.02 12.21 1.91
C LYS A 129 -0.90 10.90 2.66
N LEU A 130 -1.50 9.85 2.12
CA LEU A 130 -1.43 8.53 2.73
C LEU A 130 -0.42 7.70 1.92
N PHE A 131 0.60 7.19 2.59
CA PHE A 131 1.62 6.38 1.93
C PHE A 131 1.55 4.96 2.43
N LYS A 132 1.33 4.01 1.51
CA LYS A 132 1.25 2.62 1.91
C LYS A 132 2.63 2.03 2.16
N GLN A 133 2.74 1.31 3.28
CA GLN A 133 3.99 0.68 3.68
C GLN A 133 3.79 -0.82 3.75
N ASP A 134 4.77 -1.55 3.20
CA ASP A 134 4.72 -3.00 3.19
C ASP A 134 6.08 -3.57 3.52
N GLY A 135 6.09 -4.83 3.94
CA GLY A 135 7.32 -5.51 4.23
C GLY A 135 7.90 -5.35 5.61
N PHE A 136 8.91 -6.18 5.87
CA PHE A 136 9.60 -6.19 7.14
C PHE A 136 10.44 -4.94 7.30
N LYS A 137 10.63 -4.52 8.54
CA LYS A 137 11.43 -3.35 8.82
C LYS A 137 11.96 -3.36 10.24
N ASP A 138 13.23 -2.96 10.37
CA ASP A 138 13.87 -2.88 11.68
C ASP A 138 13.62 -1.47 12.21
N VAL A 139 13.22 -1.39 13.46
CA VAL A 139 12.95 -0.12 14.07
C VAL A 139 13.59 -0.07 15.44
N SER A 140 13.71 1.14 15.98
CA SER A 140 14.30 1.35 17.28
C SER A 140 13.21 1.78 18.24
N LEU A 141 13.38 1.43 19.52
CA LEU A 141 12.41 1.74 20.57
C LEU A 141 12.73 3.07 21.26
N TYR A 142 13.85 3.69 20.90
CA TYR A 142 14.24 4.97 21.50
C TYR A 142 14.77 5.88 20.40
N GLU A 143 14.77 7.18 20.65
CA GLU A 143 15.23 8.14 19.66
C GLU A 143 16.73 8.05 19.41
N PRO A 144 17.12 7.85 18.14
CA PRO A 144 18.54 7.75 17.79
C PRO A 144 19.32 8.92 18.36
N GLY A 145 20.39 8.61 19.07
CA GLY A 145 21.20 9.67 19.67
C GLY A 145 22.63 9.61 19.18
N ASN A 146 23.56 9.90 20.07
CA ASN A 146 24.97 9.91 19.74
C ASN A 146 25.48 8.47 19.66
N GLY A 147 26.30 8.19 18.65
CA GLY A 147 26.83 6.85 18.48
C GLY A 147 25.94 5.97 17.65
N ASP A 148 24.64 6.26 17.62
CA ASP A 148 23.69 5.47 16.84
C ASP A 148 23.88 5.73 15.34
N GLU A 149 23.52 4.74 14.52
CA GLU A 149 23.62 4.89 13.08
C GLU A 149 22.53 5.84 12.59
N LYS A 150 22.92 6.84 11.81
CA LYS A 150 21.97 7.81 11.27
C LYS A 150 22.13 7.89 9.75
N PRO A 151 21.61 6.88 9.04
CA PRO A 151 21.62 6.69 7.58
C PRO A 151 21.12 7.83 6.70
N THR A 152 20.02 8.47 7.10
CA THR A 152 19.44 9.55 6.31
C THR A 152 19.13 10.75 7.20
N PRO A 153 18.71 11.87 6.58
CA PRO A 153 18.36 13.09 7.33
C PRO A 153 16.89 13.08 7.76
N LEU A 154 16.18 12.00 7.45
CA LEU A 154 14.76 11.86 7.75
C LEU A 154 14.49 10.78 8.80
N LEU A 155 14.03 11.21 9.98
CA LEU A 155 13.72 10.30 11.09
C LEU A 155 12.21 10.25 11.30
N ILE A 156 11.67 9.03 11.27
CA ILE A 156 10.24 8.82 11.46
C ILE A 156 9.90 8.36 12.89
N HIS A 157 8.88 8.98 13.48
CA HIS A 157 8.43 8.65 14.83
C HIS A 157 6.98 8.12 14.68
N LEU A 158 6.81 6.80 14.78
CA LEU A 158 5.51 6.15 14.58
C LEU A 158 4.91 5.49 15.83
N LYS A 159 3.59 5.65 15.99
CA LYS A 159 2.87 5.07 17.10
C LYS A 159 2.19 3.80 16.59
N LEU A 160 2.55 2.66 17.17
CA LEU A 160 1.97 1.40 16.76
C LEU A 160 0.81 1.05 17.70
N PRO A 161 -0.36 0.73 17.13
CA PRO A 161 -1.57 0.39 17.89
C PRO A 161 -1.40 -0.84 18.76
N LYS A 162 -2.28 -0.94 19.75
CA LYS A 162 -2.30 -2.02 20.72
C LYS A 162 -1.92 -3.43 20.27
N ASN A 163 -2.68 -4.08 19.40
CA ASN A 163 -2.32 -5.46 19.03
C ASN A 163 -1.43 -5.62 17.80
N THR A 164 -0.45 -4.73 17.66
CA THR A 164 0.46 -4.80 16.53
C THR A 164 1.52 -5.87 16.82
N GLY A 165 1.84 -6.66 15.80
CA GLY A 165 2.85 -7.68 15.96
C GLY A 165 4.23 -7.04 16.04
N MET A 166 5.05 -7.48 16.99
CA MET A 166 6.40 -6.95 17.15
C MET A 166 7.36 -8.03 17.63
N LEU A 167 8.52 -8.15 16.97
CA LEU A 167 9.49 -9.18 17.34
C LEU A 167 10.83 -8.64 17.84
N PRO A 168 11.00 -8.52 19.16
CA PRO A 168 12.28 -8.02 19.66
C PRO A 168 13.20 -9.25 19.63
N TYR A 169 14.48 -9.04 19.31
CA TYR A 169 15.42 -10.15 19.27
C TYR A 169 16.86 -9.64 19.44
N ILE A 170 17.73 -10.52 19.90
CA ILE A 170 19.12 -10.18 20.09
C ILE A 170 19.84 -10.58 18.80
N ASN A 171 20.52 -9.62 18.20
CA ASN A 171 21.22 -9.87 16.96
C ASN A 171 22.56 -10.52 17.26
N SER A 172 23.57 -9.70 17.49
CA SER A 172 24.89 -10.19 17.80
C SER A 172 25.15 -9.93 19.28
N ASN A 173 25.32 -8.67 19.62
CA ASN A 173 25.54 -8.28 21.00
C ASN A 173 24.40 -7.34 21.41
N ASP A 174 23.84 -6.66 20.43
CA ASP A 174 22.76 -5.71 20.67
C ASP A 174 21.36 -6.23 20.34
N VAL A 175 20.36 -5.46 20.74
CA VAL A 175 18.97 -5.82 20.51
C VAL A 175 18.36 -5.05 19.34
N LYS A 176 17.53 -5.74 18.57
CA LYS A 176 16.85 -5.13 17.43
C LYS A 176 15.35 -5.44 17.51
N THR A 177 14.56 -4.72 16.72
CA THR A 177 13.11 -4.91 16.70
C THR A 177 12.60 -5.06 15.29
N LEU A 178 11.83 -6.12 15.07
CA LEU A 178 11.29 -6.38 13.74
C LEU A 178 9.76 -6.28 13.70
N ILE A 179 9.24 -5.57 12.70
CA ILE A 179 7.80 -5.46 12.52
C ILE A 179 7.55 -5.70 11.03
N GLU A 180 6.30 -5.99 10.68
CA GLU A 180 5.94 -6.15 9.28
C GLU A 180 4.89 -5.07 8.97
N GLN A 181 5.27 -4.13 8.12
CA GLN A 181 4.38 -3.05 7.75
C GLN A 181 3.22 -3.55 6.90
N ASP A 182 2.00 -3.20 7.28
CA ASP A 182 0.81 -3.63 6.55
C ASP A 182 -0.26 -2.59 6.78
N TYR A 183 0.06 -1.36 6.39
CA TYR A 183 -0.85 -0.25 6.61
C TYR A 183 -0.35 0.95 5.81
N SER A 184 -1.06 2.06 5.93
CA SER A 184 -0.65 3.30 5.27
C SER A 184 -0.18 4.25 6.36
N ILE A 185 0.79 5.09 6.02
CA ILE A 185 1.29 6.04 6.99
C ILE A 185 0.86 7.46 6.63
N LYS A 186 0.73 8.28 7.66
CA LYS A 186 0.33 9.67 7.51
C LYS A 186 1.33 10.52 8.32
N ILE A 187 1.89 11.56 7.70
CA ILE A 187 2.84 12.40 8.43
C ILE A 187 2.07 13.58 9.00
N ASP A 188 1.84 13.56 10.31
CA ASP A 188 1.09 14.61 10.99
C ASP A 188 1.90 15.88 11.18
N LYS A 189 3.20 15.73 11.42
CA LYS A 189 4.05 16.89 11.63
C LYS A 189 5.54 16.60 11.47
N ILE A 190 6.30 17.62 11.06
CA ILE A 190 7.74 17.48 10.93
C ILE A 190 8.41 18.66 11.62
N VAL A 191 9.49 18.36 12.34
CA VAL A 191 10.25 19.38 13.03
C VAL A 191 11.73 19.15 12.78
N ARG A 192 12.51 20.20 12.98
CA ARG A 192 13.94 20.14 12.78
C ARG A 192 14.61 19.90 14.12
N ILE A 193 15.44 18.87 14.20
CA ILE A 193 16.15 18.60 15.44
C ILE A 193 17.63 18.47 15.11
N VAL A 194 18.48 18.51 16.12
CA VAL A 194 19.90 18.39 15.89
C VAL A 194 20.49 17.24 16.71
N ILE A 195 21.29 16.42 16.05
CA ILE A 195 21.95 15.28 16.68
C ILE A 195 23.42 15.38 16.30
N GLU A 196 24.30 15.20 17.28
CA GLU A 196 25.74 15.28 17.07
C GLU A 196 26.10 16.52 16.26
N GLY A 197 25.45 17.64 16.56
CA GLY A 197 25.74 18.88 15.87
C GLY A 197 25.25 18.98 14.43
N LYS A 198 24.49 18.00 13.99
CA LYS A 198 23.96 17.99 12.63
C LYS A 198 22.43 18.02 12.64
N GLN A 199 21.83 18.74 11.70
CA GLN A 199 20.38 18.85 11.62
C GLN A 199 19.69 17.70 10.90
N TYR A 200 18.53 17.31 11.44
CA TYR A 200 17.71 16.23 10.90
C TYR A 200 16.24 16.60 10.95
N ILE A 201 15.44 15.92 10.15
CA ILE A 201 14.01 16.13 10.15
C ILE A 201 13.35 14.98 10.91
N LYS A 202 12.54 15.30 11.92
CA LYS A 202 11.84 14.27 12.65
C LYS A 202 10.37 14.40 12.25
N ALA A 203 9.82 13.30 11.73
CA ALA A 203 8.44 13.29 11.28
C ALA A 203 7.54 12.48 12.21
N GLU A 204 6.46 13.11 12.66
CA GLU A 204 5.49 12.46 13.53
C GLU A 204 4.51 11.79 12.58
N ALA A 205 4.46 10.46 12.63
CA ALA A 205 3.59 9.71 11.76
C ALA A 205 2.51 8.93 12.49
N SER A 206 1.40 8.72 11.80
CA SER A 206 0.28 8.01 12.37
C SER A 206 -0.11 6.92 11.38
N ILE A 207 -0.73 5.87 11.88
CA ILE A 207 -1.16 4.77 11.04
C ILE A 207 -2.64 4.86 10.67
N VAL A 208 -2.96 4.46 9.45
CA VAL A 208 -4.34 4.42 8.98
C VAL A 208 -4.53 3.01 8.44
N ASN A 209 -5.40 2.24 9.09
CA ASN A 209 -5.63 0.86 8.69
C ASN A 209 -6.63 0.69 7.54
N SER A 210 -6.36 -0.30 6.68
CA SER A 210 -7.20 -0.61 5.54
C SER A 210 -7.18 -2.11 5.27
N LEU A 211 -8.30 -2.66 4.83
CA LEU A 211 -8.34 -4.07 4.50
C LEU A 211 -7.58 -4.21 3.18
N ASP A 212 -6.58 -5.08 3.17
CA ASP A 212 -5.77 -5.32 1.96
C ASP A 212 -5.56 -6.82 1.97
N PHE A 213 -6.28 -7.52 1.10
CA PHE A 213 -6.20 -8.95 1.03
C PHE A 213 -4.98 -9.44 0.24
N LYS A 214 -4.39 -8.52 -0.51
CA LYS A 214 -3.22 -8.85 -1.32
C LYS A 214 -3.43 -10.14 -2.10
N ASP A 215 -2.59 -11.14 -1.88
CA ASP A 215 -2.73 -12.38 -2.64
C ASP A 215 -3.76 -13.38 -2.11
N ASP A 216 -4.29 -13.16 -0.92
CA ASP A 216 -5.27 -14.06 -0.32
C ASP A 216 -6.69 -13.75 -0.81
N VAL A 217 -6.97 -14.11 -2.05
CA VAL A 217 -8.26 -13.84 -2.64
C VAL A 217 -9.41 -14.64 -2.02
N SER A 218 -9.12 -15.80 -1.47
CA SER A 218 -10.18 -16.60 -0.84
C SER A 218 -10.78 -15.79 0.29
N LYS A 219 -9.92 -15.24 1.14
CA LYS A 219 -10.38 -14.43 2.27
C LYS A 219 -11.11 -13.20 1.76
N GLY A 220 -10.59 -12.61 0.69
CA GLY A 220 -11.22 -11.43 0.13
C GLY A 220 -12.63 -11.75 -0.36
N ASP A 221 -12.76 -12.87 -1.06
CA ASP A 221 -14.06 -13.29 -1.58
C ASP A 221 -15.04 -13.52 -0.44
N LEU A 222 -14.55 -14.10 0.66
CA LEU A 222 -15.37 -14.36 1.84
C LEU A 222 -15.93 -13.05 2.39
N TRP A 223 -15.05 -12.04 2.48
CA TRP A 223 -15.46 -10.73 2.96
C TRP A 223 -16.46 -10.12 2.00
N GLY A 224 -16.23 -10.35 0.70
CA GLY A 224 -17.10 -9.82 -0.32
C GLY A 224 -18.48 -10.45 -0.28
N LYS A 225 -18.53 -11.78 -0.18
CA LYS A 225 -19.80 -12.49 -0.12
C LYS A 225 -20.61 -12.08 1.11
N GLU A 226 -19.94 -11.92 2.24
CA GLU A 226 -20.63 -11.53 3.47
C GLU A 226 -21.22 -10.13 3.45
N ASN A 227 -20.61 -9.21 2.70
CA ASN A 227 -21.11 -7.85 2.64
C ASN A 227 -21.95 -7.55 1.41
N TYR A 228 -21.95 -8.45 0.42
CA TYR A 228 -22.73 -8.18 -0.79
C TYR A 228 -23.58 -9.33 -1.32
N SER A 229 -23.78 -10.36 -0.50
CA SER A 229 -24.58 -11.50 -0.96
C SER A 229 -26.05 -11.14 -1.11
N ASP A 230 -26.50 -10.12 -0.39
CA ASP A 230 -27.90 -9.68 -0.46
C ASP A 230 -28.06 -8.35 -1.20
N TRP A 231 -26.94 -7.80 -1.68
CA TRP A 231 -26.94 -6.53 -2.40
C TRP A 231 -27.95 -6.53 -3.55
N SER A 232 -27.93 -7.59 -4.35
CA SER A 232 -28.84 -7.72 -5.49
C SER A 232 -30.29 -7.57 -5.09
N ASN A 233 -30.64 -8.06 -3.91
CA ASN A 233 -32.01 -7.98 -3.41
C ASN A 233 -32.44 -6.57 -3.08
N LYS A 234 -31.48 -5.70 -2.82
CA LYS A 234 -31.78 -4.30 -2.49
C LYS A 234 -32.07 -3.47 -3.73
N LEU A 235 -31.68 -3.98 -4.90
CA LEU A 235 -31.88 -3.27 -6.16
C LEU A 235 -33.30 -3.39 -6.67
N THR A 236 -33.75 -2.38 -7.41
CA THR A 236 -35.08 -2.45 -8.00
C THR A 236 -34.92 -3.37 -9.21
N PRO A 237 -36.04 -3.89 -9.74
CA PRO A 237 -35.90 -4.76 -10.90
C PRO A 237 -35.15 -4.10 -12.06
N ASN A 238 -35.41 -2.82 -12.31
CA ASN A 238 -34.73 -2.13 -13.39
C ASN A 238 -33.23 -1.93 -13.13
N GLU A 239 -32.85 -1.72 -11.88
CA GLU A 239 -31.44 -1.55 -11.54
C GLU A 239 -30.70 -2.87 -11.71
N LEU A 240 -31.30 -3.97 -11.25
CA LEU A 240 -30.66 -5.27 -11.38
C LEU A 240 -30.49 -5.59 -12.87
N ALA A 241 -31.54 -5.30 -13.65
CA ALA A 241 -31.52 -5.54 -15.10
C ALA A 241 -30.36 -4.82 -15.78
N ASP A 242 -30.13 -3.55 -15.42
CA ASP A 242 -29.03 -2.83 -16.04
C ASP A 242 -27.65 -3.33 -15.58
N VAL A 243 -27.55 -3.69 -14.30
CA VAL A 243 -26.28 -4.20 -13.79
C VAL A 243 -25.98 -5.51 -14.50
N ASN A 244 -26.99 -6.36 -14.66
CA ASN A 244 -26.78 -7.64 -15.35
C ASN A 244 -26.39 -7.38 -16.80
N ASP A 245 -27.07 -6.44 -17.45
CA ASP A 245 -26.79 -6.06 -18.82
C ASP A 245 -25.31 -5.65 -18.94
N TYR A 246 -24.87 -4.81 -18.01
CA TYR A 246 -23.50 -4.31 -17.98
C TYR A 246 -22.47 -5.45 -17.92
N MET A 247 -22.62 -6.33 -16.93
CA MET A 247 -21.70 -7.44 -16.72
C MET A 247 -21.71 -8.45 -17.87
N ARG A 248 -22.84 -8.55 -18.54
CA ARG A 248 -23.04 -9.48 -19.65
C ARG A 248 -22.41 -9.03 -20.97
N GLY A 249 -21.97 -7.78 -21.03
CA GLY A 249 -21.36 -7.27 -22.25
C GLY A 249 -21.69 -5.81 -22.50
N GLY A 250 -22.68 -5.29 -21.80
CA GLY A 250 -23.06 -3.90 -21.97
C GLY A 250 -21.99 -2.91 -21.55
N TYR A 251 -20.99 -3.38 -20.80
CA TYR A 251 -19.92 -2.50 -20.34
C TYR A 251 -19.19 -1.82 -21.49
N THR A 252 -19.08 -2.52 -22.63
CA THR A 252 -18.41 -1.98 -23.79
C THR A 252 -19.04 -0.70 -24.32
N ALA A 253 -20.32 -0.77 -24.64
CA ALA A 253 -21.04 0.37 -25.16
C ALA A 253 -21.10 1.49 -24.12
N ILE A 254 -21.44 1.14 -22.89
CA ILE A 254 -21.53 2.11 -21.82
C ILE A 254 -20.22 2.85 -21.58
N ASN A 255 -19.14 2.12 -21.30
CA ASN A 255 -17.89 2.80 -21.04
C ASN A 255 -17.32 3.56 -22.24
N ASN A 256 -17.60 3.10 -23.46
CA ASN A 256 -17.12 3.82 -24.62
C ASN A 256 -17.89 5.12 -24.72
N TYR A 257 -19.19 5.04 -24.44
CA TYR A 257 -20.07 6.20 -24.46
C TYR A 257 -19.55 7.24 -23.45
N LEU A 258 -19.15 6.77 -22.28
CA LEU A 258 -18.64 7.66 -21.23
C LEU A 258 -17.27 8.25 -21.59
N ILE A 259 -16.34 7.41 -22.03
CA ILE A 259 -15.00 7.87 -22.38
C ILE A 259 -14.98 8.88 -23.54
N SER A 260 -15.78 8.63 -24.56
CA SER A 260 -15.85 9.53 -25.71
C SER A 260 -16.68 10.76 -25.34
N ASN A 261 -17.04 10.86 -24.07
CA ASN A 261 -17.84 11.98 -23.57
C ASN A 261 -19.13 12.14 -24.36
N GLY A 262 -19.84 11.04 -24.55
CA GLY A 262 -21.09 11.08 -25.28
C GLY A 262 -22.25 11.77 -24.58
N PRO A 263 -22.34 11.73 -23.25
CA PRO A 263 -23.44 12.39 -22.55
C PRO A 263 -23.47 13.90 -22.76
N LEU A 264 -22.52 14.41 -23.51
CA LEU A 264 -22.44 15.85 -23.77
C LEU A 264 -22.15 16.14 -25.23
N ASN A 265 -21.63 15.15 -25.94
CA ASN A 265 -21.28 15.31 -27.35
C ASN A 265 -22.20 14.53 -28.29
N ASN A 266 -22.91 13.55 -27.74
CA ASN A 266 -23.82 12.72 -28.52
C ASN A 266 -24.72 11.95 -27.55
N PRO A 267 -25.56 12.66 -26.80
CA PRO A 267 -26.48 12.07 -25.81
C PRO A 267 -27.31 10.90 -26.30
N ASN A 268 -27.35 9.85 -25.49
CA ASN A 268 -28.14 8.65 -25.78
C ASN A 268 -28.95 8.34 -24.52
N PRO A 269 -30.23 8.72 -24.52
CA PRO A 269 -31.15 8.50 -23.40
C PRO A 269 -31.17 7.09 -22.83
N GLU A 270 -31.10 6.09 -23.71
CA GLU A 270 -31.12 4.71 -23.24
C GLU A 270 -29.84 4.35 -22.48
N LEU A 271 -28.73 4.96 -22.85
CA LEU A 271 -27.46 4.70 -22.17
C LEU A 271 -27.38 5.53 -20.90
N ASP A 272 -27.92 6.76 -20.95
CA ASP A 272 -27.90 7.62 -19.77
C ASP A 272 -28.70 6.98 -18.65
N SER A 273 -29.78 6.29 -19.03
CA SER A 273 -30.63 5.63 -18.05
C SER A 273 -29.83 4.52 -17.36
N LYS A 274 -29.11 3.72 -18.14
CA LYS A 274 -28.32 2.64 -17.58
C LYS A 274 -27.23 3.14 -16.65
N VAL A 275 -26.49 4.17 -17.06
CA VAL A 275 -25.43 4.70 -16.19
C VAL A 275 -26.02 5.15 -14.86
N ASN A 276 -27.17 5.81 -14.93
CA ASN A 276 -27.84 6.28 -13.73
C ASN A 276 -28.20 5.14 -12.77
N ASN A 277 -28.83 4.09 -13.30
CA ASN A 277 -29.21 2.96 -12.46
C ASN A 277 -28.01 2.24 -11.86
N ILE A 278 -26.93 2.12 -12.62
CA ILE A 278 -25.74 1.44 -12.13
C ILE A 278 -25.11 2.30 -11.04
N GLU A 279 -25.08 3.61 -11.26
CA GLU A 279 -24.53 4.52 -10.27
C GLU A 279 -25.33 4.40 -8.97
N ASN A 280 -26.65 4.40 -9.07
CA ASN A 280 -27.49 4.27 -7.89
C ASN A 280 -27.25 2.93 -7.22
N ALA A 281 -27.07 1.89 -8.02
CA ALA A 281 -26.82 0.56 -7.50
C ALA A 281 -25.53 0.54 -6.66
N LEU A 282 -24.55 1.33 -7.07
CA LEU A 282 -23.28 1.37 -6.35
C LEU A 282 -23.34 2.15 -5.03
N LYS A 283 -24.46 2.81 -4.76
CA LYS A 283 -24.63 3.57 -3.53
C LYS A 283 -25.49 2.88 -2.48
N LEU A 284 -26.10 1.75 -2.85
CA LEU A 284 -26.96 1.00 -1.92
C LEU A 284 -26.22 0.41 -0.72
N THR A 285 -25.02 -0.10 -0.97
CA THR A 285 -24.22 -0.67 0.09
C THR A 285 -22.81 -0.13 -0.10
N PRO A 286 -22.55 1.07 0.43
CA PRO A 286 -21.21 1.65 0.28
C PRO A 286 -20.16 0.74 0.89
N ILE A 287 -18.92 0.85 0.42
CA ILE A 287 -17.82 0.05 0.93
C ILE A 287 -17.82 0.18 2.45
N PRO A 288 -18.04 -0.93 3.18
CA PRO A 288 -18.09 -1.03 4.65
C PRO A 288 -16.90 -0.55 5.45
N SER A 289 -15.71 -0.48 4.84
CA SER A 289 -14.52 -0.03 5.55
C SER A 289 -13.39 0.29 4.59
N ASN A 290 -12.34 0.92 5.10
CA ASN A 290 -11.20 1.26 4.26
C ASN A 290 -10.75 -0.06 3.62
N LEU A 291 -10.54 -0.03 2.31
CA LEU A 291 -10.17 -1.25 1.59
C LEU A 291 -9.22 -0.89 0.45
N ILE A 292 -8.27 -1.79 0.19
CA ILE A 292 -7.32 -1.58 -0.90
C ILE A 292 -7.76 -2.49 -2.03
N VAL A 293 -7.82 -1.94 -3.25
CA VAL A 293 -8.15 -2.74 -4.43
C VAL A 293 -7.03 -2.52 -5.45
N TYR A 294 -6.94 -3.44 -6.42
CA TYR A 294 -5.90 -3.41 -7.43
C TYR A 294 -6.44 -3.41 -8.85
N ARG A 295 -5.73 -2.73 -9.74
CA ARG A 295 -6.12 -2.71 -11.14
C ARG A 295 -4.88 -2.68 -12.01
N ARG A 296 -4.84 -3.56 -13.01
CA ARG A 296 -3.73 -3.58 -13.94
C ARG A 296 -4.21 -2.79 -15.17
N SER A 297 -3.62 -1.61 -15.36
CA SER A 297 -3.99 -0.71 -16.43
C SER A 297 -3.23 -0.89 -17.74
N GLY A 298 -3.93 -0.69 -18.85
CA GLY A 298 -3.29 -0.76 -20.14
C GLY A 298 -2.60 0.58 -20.35
N PRO A 299 -1.64 0.70 -21.27
CA PRO A 299 -0.93 1.96 -21.53
C PRO A 299 -1.79 3.19 -21.88
N GLN A 300 -2.93 2.97 -22.54
CA GLN A 300 -3.81 4.07 -22.94
C GLN A 300 -4.39 4.84 -21.77
N GLU A 301 -4.53 4.18 -20.63
CA GLU A 301 -5.08 4.84 -19.46
C GLU A 301 -4.15 5.96 -19.00
N PHE A 302 -2.90 5.89 -19.43
CA PHE A 302 -1.91 6.90 -19.07
C PHE A 302 -1.31 7.59 -20.28
N GLY A 303 -2.09 7.66 -21.36
CA GLY A 303 -1.65 8.31 -22.58
C GLY A 303 -0.48 7.67 -23.30
N LEU A 304 -0.40 6.34 -23.27
CA LEU A 304 0.69 5.64 -23.94
C LEU A 304 0.19 4.51 -24.82
N THR A 305 1.10 3.89 -25.55
CA THR A 305 0.78 2.77 -26.43
C THR A 305 1.84 1.70 -26.24
N LEU A 306 1.53 0.46 -26.62
CA LEU A 306 2.50 -0.60 -26.45
C LEU A 306 3.75 -0.36 -27.29
N THR A 307 3.72 0.70 -28.10
CA THR A 307 4.84 1.02 -28.97
C THR A 307 5.64 2.22 -28.45
N SER A 308 4.98 3.10 -27.71
CA SER A 308 5.64 4.27 -27.17
C SER A 308 6.93 3.92 -26.43
N PRO A 309 8.04 4.57 -26.78
CA PRO A 309 9.35 4.34 -26.15
C PRO A 309 9.33 4.64 -24.65
N GLU A 310 8.44 5.55 -24.25
CA GLU A 310 8.31 5.93 -22.85
C GLU A 310 7.69 4.78 -22.06
N TYR A 311 7.17 3.79 -22.77
CA TYR A 311 6.53 2.64 -22.14
C TYR A 311 7.53 1.57 -21.71
N ASP A 312 8.79 1.73 -22.06
CA ASP A 312 9.79 0.76 -21.67
C ASP A 312 10.42 1.22 -20.36
N PHE A 313 9.91 0.69 -19.25
CA PHE A 313 10.40 1.07 -17.93
C PHE A 313 11.72 0.42 -17.53
N ASN A 314 12.29 -0.38 -18.43
CA ASN A 314 13.57 -1.01 -18.17
C ASN A 314 14.65 0.08 -18.18
N LYS A 315 14.35 1.20 -18.81
CA LYS A 315 15.27 2.32 -18.85
C LYS A 315 14.77 3.34 -17.84
N ILE A 316 15.59 3.66 -16.84
CA ILE A 316 15.17 4.59 -15.81
C ILE A 316 14.69 5.95 -16.31
N GLU A 317 15.27 6.44 -17.41
CA GLU A 317 14.87 7.73 -17.96
C GLU A 317 13.37 7.76 -18.18
N ASN A 318 12.81 6.61 -18.53
CA ASN A 318 11.38 6.50 -18.77
C ASN A 318 10.57 6.46 -17.48
N ILE A 319 11.19 5.97 -16.41
CA ILE A 319 10.51 5.91 -15.12
C ILE A 319 10.47 7.34 -14.58
N ASP A 320 11.58 8.04 -14.71
CA ASP A 320 11.67 9.42 -14.27
C ASP A 320 10.67 10.27 -15.03
N ALA A 321 10.53 9.99 -16.32
CA ALA A 321 9.59 10.72 -17.15
C ALA A 321 8.16 10.46 -16.66
N PHE A 322 7.82 9.19 -16.47
CA PHE A 322 6.49 8.82 -15.98
C PHE A 322 6.19 9.50 -14.65
N LYS A 323 7.15 9.46 -13.73
CA LYS A 323 6.98 10.09 -12.43
C LYS A 323 6.74 11.59 -12.54
N GLU A 324 7.50 12.23 -13.42
CA GLU A 324 7.38 13.67 -13.59
C GLU A 324 5.97 14.04 -14.06
N LYS A 325 5.38 13.18 -14.90
CA LYS A 325 4.05 13.43 -15.40
C LYS A 325 2.92 13.08 -14.44
N TRP A 326 3.04 11.97 -13.72
CA TRP A 326 1.94 11.57 -12.84
C TRP A 326 2.11 11.60 -11.34
N GLU A 327 3.33 11.42 -10.84
CA GLU A 327 3.50 11.39 -9.40
C GLU A 327 3.01 12.66 -8.72
N GLY A 328 2.06 12.51 -7.80
CA GLY A 328 1.51 13.64 -7.08
C GLY A 328 0.31 14.27 -7.78
N LYS A 329 -0.05 13.71 -8.93
CA LYS A 329 -1.15 14.24 -9.72
C LYS A 329 -2.43 13.44 -9.48
N VAL A 330 -3.55 13.93 -9.99
CA VAL A 330 -4.81 13.22 -9.85
C VAL A 330 -5.34 12.86 -11.24
N ILE A 331 -5.74 11.61 -11.42
CA ILE A 331 -6.28 11.18 -12.70
C ILE A 331 -7.77 10.85 -12.52
N THR A 332 -8.55 11.21 -13.53
CA THR A 332 -9.99 10.98 -13.53
C THR A 332 -10.41 9.96 -14.59
N TYR A 333 -11.29 9.04 -14.20
CA TYR A 333 -11.80 8.01 -15.10
C TYR A 333 -13.27 8.31 -15.36
N PRO A 334 -13.64 8.64 -16.61
CA PRO A 334 -15.03 8.94 -16.96
C PRO A 334 -15.90 7.68 -16.95
N ASN A 335 -15.28 6.55 -17.22
CA ASN A 335 -15.96 5.25 -17.25
C ASN A 335 -16.01 4.63 -15.86
N PHE A 336 -16.81 3.56 -15.74
CA PHE A 336 -16.88 2.82 -14.48
C PHE A 336 -15.55 2.07 -14.47
N ILE A 337 -14.96 1.92 -13.30
CA ILE A 337 -13.69 1.21 -13.24
C ILE A 337 -13.74 -0.05 -12.41
N SER A 338 -13.42 -1.16 -13.05
CA SER A 338 -13.42 -2.44 -12.40
C SER A 338 -12.03 -2.66 -11.80
N THR A 339 -12.02 -3.21 -10.60
CA THR A 339 -10.78 -3.47 -9.89
C THR A 339 -10.92 -4.83 -9.22
N SER A 340 -9.81 -5.35 -8.70
CA SER A 340 -9.85 -6.64 -8.02
C SER A 340 -9.42 -6.47 -6.56
N ILE A 341 -9.95 -7.31 -5.68
CA ILE A 341 -9.53 -7.25 -4.28
C ILE A 341 -8.22 -8.00 -4.14
N GLY A 342 -7.84 -8.73 -5.20
CA GLY A 342 -6.60 -9.49 -5.21
C GLY A 342 -5.47 -8.80 -5.96
N SER A 343 -4.24 -8.96 -5.48
CA SER A 343 -3.08 -8.31 -6.09
C SER A 343 -2.31 -9.14 -7.10
N VAL A 344 -2.57 -10.45 -7.13
CA VAL A 344 -1.85 -11.35 -8.02
C VAL A 344 -2.01 -11.08 -9.51
N ASN A 345 -1.00 -11.49 -10.29
CA ASN A 345 -1.03 -11.32 -11.74
C ASN A 345 -1.99 -12.36 -12.32
N MET A 346 -2.53 -12.07 -13.50
CA MET A 346 -3.45 -12.98 -14.16
C MET A 346 -3.11 -12.94 -15.64
N SER A 347 -3.27 -14.06 -16.33
CA SER A 347 -3.01 -14.08 -17.76
C SER A 347 -4.02 -13.09 -18.33
N ALA A 348 -3.70 -12.49 -19.47
CA ALA A 348 -4.58 -11.50 -20.09
C ALA A 348 -4.24 -10.13 -19.52
N PHE A 349 -3.43 -10.13 -18.45
CA PHE A 349 -2.97 -8.91 -17.81
C PHE A 349 -1.46 -9.00 -17.67
N ALA A 350 -0.91 -10.12 -18.13
CA ALA A 350 0.52 -10.37 -18.05
C ALA A 350 1.35 -9.29 -18.74
N LYS A 351 0.83 -8.72 -19.81
CA LYS A 351 1.57 -7.71 -20.55
C LYS A 351 1.41 -6.29 -19.99
N ARG A 352 0.48 -6.10 -19.06
CA ARG A 352 0.28 -4.78 -18.49
C ARG A 352 1.40 -4.48 -17.50
N LYS A 353 1.97 -3.29 -17.61
CA LYS A 353 3.08 -2.89 -16.77
C LYS A 353 2.74 -1.86 -15.70
N ILE A 354 1.47 -1.48 -15.61
CA ILE A 354 1.09 -0.48 -14.63
C ILE A 354 0.05 -1.00 -13.65
N ILE A 355 0.40 -1.01 -12.36
CA ILE A 355 -0.52 -1.47 -11.35
C ILE A 355 -1.01 -0.31 -10.53
N LEU A 356 -2.33 -0.19 -10.44
CA LEU A 356 -2.95 0.87 -9.68
C LEU A 356 -3.41 0.25 -8.35
N ARG A 357 -2.75 0.62 -7.26
CA ARG A 357 -3.08 0.12 -5.93
C ARG A 357 -3.88 1.22 -5.25
N ILE A 358 -5.20 1.05 -5.27
CA ILE A 358 -6.12 2.06 -4.75
C ILE A 358 -6.67 1.88 -3.34
N ASN A 359 -6.49 2.94 -2.55
CA ASN A 359 -6.97 3.00 -1.18
C ASN A 359 -8.37 3.62 -1.26
N ILE A 360 -9.41 2.83 -0.96
CA ILE A 360 -10.77 3.35 -1.01
C ILE A 360 -11.29 3.62 0.41
N PRO A 361 -11.69 4.86 0.69
CA PRO A 361 -12.21 5.23 2.01
C PRO A 361 -13.52 4.54 2.37
N LYS A 362 -13.68 4.25 3.67
CA LYS A 362 -14.91 3.63 4.13
C LYS A 362 -16.07 4.51 3.66
N ASP A 363 -17.20 3.89 3.33
CA ASP A 363 -18.39 4.59 2.87
C ASP A 363 -18.34 5.13 1.45
N SER A 364 -17.36 4.69 0.66
CA SER A 364 -17.26 5.14 -0.73
C SER A 364 -18.24 4.33 -1.56
N PRO A 365 -18.72 4.87 -2.68
CA PRO A 365 -19.65 4.10 -3.51
C PRO A 365 -18.89 2.91 -4.09
N GLY A 366 -19.58 1.81 -4.36
CA GLY A 366 -18.92 0.65 -4.91
C GLY A 366 -19.62 -0.64 -4.51
N ALA A 367 -19.35 -1.73 -5.25
CA ALA A 367 -19.99 -3.00 -4.96
C ALA A 367 -19.10 -4.16 -5.40
N TYR A 368 -19.17 -5.26 -4.65
CA TYR A 368 -18.41 -6.45 -4.99
C TYR A 368 -19.30 -7.26 -5.95
N LEU A 369 -19.16 -6.99 -7.24
CA LEU A 369 -19.93 -7.67 -8.28
C LEU A 369 -19.79 -9.19 -8.29
N SER A 370 -18.64 -9.68 -7.89
CA SER A 370 -18.40 -11.12 -7.88
C SER A 370 -19.26 -11.89 -6.87
N ALA A 371 -20.08 -11.18 -6.11
CA ALA A 371 -20.96 -11.83 -5.15
C ALA A 371 -22.18 -12.39 -5.90
N ILE A 372 -22.31 -12.02 -7.17
CA ILE A 372 -23.42 -12.53 -7.97
C ILE A 372 -22.93 -13.83 -8.60
N PRO A 373 -23.68 -14.93 -8.41
CA PRO A 373 -23.26 -16.20 -8.99
C PRO A 373 -23.03 -16.13 -10.51
N GLY A 374 -21.98 -16.80 -10.96
CA GLY A 374 -21.64 -16.82 -12.37
C GLY A 374 -20.42 -15.98 -12.68
N TYR A 375 -19.97 -15.22 -11.68
CA TYR A 375 -18.81 -14.36 -11.89
C TYR A 375 -17.70 -14.60 -10.90
N ALA A 376 -17.59 -15.85 -10.43
CA ALA A 376 -16.55 -16.23 -9.50
C ALA A 376 -15.27 -16.43 -10.31
N GLY A 377 -14.23 -15.70 -9.94
CA GLY A 377 -12.95 -15.79 -10.62
C GLY A 377 -12.39 -14.42 -10.89
N GLU A 378 -13.23 -13.40 -10.75
CA GLU A 378 -12.81 -12.04 -10.98
C GLU A 378 -12.54 -11.24 -9.70
N TYR A 379 -13.23 -11.60 -8.62
CA TYR A 379 -13.03 -10.92 -7.33
C TYR A 379 -13.11 -9.43 -7.61
N GLU A 380 -14.12 -9.05 -8.40
CA GLU A 380 -14.32 -7.69 -8.84
C GLU A 380 -15.07 -6.70 -7.95
N VAL A 381 -14.50 -5.52 -7.84
CA VAL A 381 -15.11 -4.41 -7.10
C VAL A 381 -15.25 -3.33 -8.15
N LEU A 382 -16.48 -2.94 -8.47
CA LEU A 382 -16.69 -1.89 -9.46
C LEU A 382 -16.82 -0.56 -8.75
N LEU A 383 -16.09 0.45 -9.26
CA LEU A 383 -16.13 1.78 -8.70
C LEU A 383 -16.92 2.68 -9.65
N ASN A 384 -17.57 3.69 -9.09
CA ASN A 384 -18.40 4.61 -9.86
C ASN A 384 -17.67 5.41 -10.95
N HIS A 385 -18.38 5.66 -12.05
CA HIS A 385 -17.82 6.44 -13.15
C HIS A 385 -17.50 7.85 -12.65
N GLY A 386 -16.49 8.47 -13.24
CA GLY A 386 -16.11 9.80 -12.83
C GLY A 386 -15.25 9.84 -11.59
N SER A 387 -14.81 8.69 -11.11
CA SER A 387 -13.98 8.64 -9.90
C SER A 387 -12.62 9.32 -10.11
N LYS A 388 -12.09 9.91 -9.05
CA LYS A 388 -10.81 10.60 -9.09
C LYS A 388 -9.82 9.88 -8.19
N PHE A 389 -8.57 9.77 -8.65
CA PHE A 389 -7.54 9.11 -7.89
C PHE A 389 -6.30 9.97 -7.80
N LYS A 390 -5.82 10.18 -6.58
CA LYS A 390 -4.61 10.96 -6.38
C LYS A 390 -3.44 9.97 -6.32
N ILE A 391 -2.47 10.16 -7.21
CA ILE A 391 -1.30 9.30 -7.25
C ILE A 391 -0.24 9.86 -6.31
N ASN A 392 -0.10 9.21 -5.16
CA ASN A 392 0.83 9.61 -4.10
C ASN A 392 2.29 9.23 -4.34
N LYS A 393 2.52 7.99 -4.74
CA LYS A 393 3.87 7.52 -4.93
C LYS A 393 3.94 6.48 -6.03
N VAL A 394 5.03 6.52 -6.79
CA VAL A 394 5.28 5.58 -7.89
C VAL A 394 6.51 4.74 -7.58
N ASP A 395 6.34 3.42 -7.59
CA ASP A 395 7.42 2.48 -7.34
C ASP A 395 7.51 1.54 -8.54
N SER A 396 8.57 0.75 -8.58
CA SER A 396 8.78 -0.20 -9.66
C SER A 396 9.35 -1.49 -9.10
N TYR A 397 9.23 -2.56 -9.88
CA TYR A 397 9.75 -3.86 -9.49
C TYR A 397 9.92 -4.65 -10.78
N LYS A 398 10.69 -5.72 -10.72
CA LYS A 398 10.92 -6.54 -11.89
C LYS A 398 10.03 -7.77 -11.88
N ASP A 399 9.33 -7.98 -12.98
CA ASP A 399 8.48 -9.15 -13.11
C ASP A 399 9.14 -9.86 -14.28
N GLY A 400 10.01 -10.83 -13.98
CA GLY A 400 10.72 -11.52 -15.04
C GLY A 400 11.76 -10.53 -15.51
N THR A 401 11.80 -10.25 -16.82
CA THR A 401 12.77 -9.30 -17.35
C THR A 401 12.12 -7.91 -17.54
N VAL A 402 10.81 -7.83 -17.36
CA VAL A 402 10.10 -6.58 -17.53
C VAL A 402 9.81 -5.81 -16.25
N THR A 403 10.22 -4.55 -16.23
CA THR A 403 10.00 -3.69 -15.08
C THR A 403 8.58 -3.17 -15.15
N LYS A 404 7.87 -3.21 -14.02
CA LYS A 404 6.50 -2.73 -13.95
C LYS A 404 6.41 -1.67 -12.85
N LEU A 405 5.37 -0.85 -12.92
CA LEU A 405 5.17 0.22 -11.96
C LEU A 405 3.98 -0.06 -11.05
N ILE A 406 4.10 0.37 -9.80
CA ILE A 406 3.02 0.25 -8.84
C ILE A 406 2.67 1.67 -8.42
N LEU A 407 1.44 2.08 -8.70
CA LEU A 407 1.00 3.41 -8.32
C LEU A 407 0.19 3.37 -7.04
N ASP A 408 0.78 3.92 -5.98
CA ASP A 408 0.14 4.02 -4.68
C ASP A 408 -0.85 5.18 -4.86
N ALA A 409 -2.14 4.87 -4.94
CA ALA A 409 -3.15 5.91 -5.14
C ALA A 409 -4.25 5.90 -4.11
N THR A 410 -4.99 7.01 -4.05
CA THR A 410 -6.08 7.13 -3.10
C THR A 410 -7.32 7.72 -3.78
N LEU A 411 -8.46 7.06 -3.59
CA LEU A 411 -9.71 7.54 -4.17
C LEU A 411 -10.17 8.77 -3.40
N ILE A 412 -10.39 9.86 -4.11
CA ILE A 412 -10.83 11.09 -3.48
C ILE A 412 -12.16 11.56 -4.06
N ASN A 413 -13.16 11.68 -3.20
CA ASN A 413 -14.48 12.14 -3.61
C ASN A 413 -15.46 12.16 -2.45
PA NDP B . -11.31 -2.38 -19.24
O1A NDP B . -11.23 -1.43 -18.17
O2A NDP B . -12.69 -2.58 -19.80
O5B NDP B . -10.27 -2.02 -20.46
C5B NDP B . -10.72 -1.81 -21.79
C4B NDP B . -9.57 -1.15 -22.53
O4B NDP B . -9.93 0.24 -22.68
C3B NDP B . -8.19 -1.23 -21.91
O3B NDP B . -7.37 -2.12 -22.69
C2B NDP B . -7.64 0.18 -21.95
O2B NDP B . -6.55 0.46 -22.87
C1B NDP B . -8.86 1.02 -22.23
N9A NDP B . -9.29 1.91 -21.11
C8A NDP B . -9.95 1.60 -19.89
N7A NDP B . -10.16 2.70 -19.17
C5A NDP B . -9.64 3.73 -19.91
C6A NDP B . -9.52 5.14 -19.71
N6A NDP B . -10.00 5.70 -18.61
N1A NDP B . -8.93 5.91 -20.66
C2A NDP B . -8.44 5.33 -21.78
N3A NDP B . -8.50 4.03 -22.06
C4A NDP B . -9.11 3.27 -21.07
O3 NDP B . -10.98 -3.84 -18.86
PN NDP B . -9.77 -4.85 -18.87
O1N NDP B . -8.75 -4.22 -18.02
O2N NDP B . -9.51 -5.12 -20.33
O5D NDP B . -10.60 -6.08 -18.24
C5D NDP B . -11.65 -6.77 -19.00
C4D NDP B . -12.30 -7.84 -18.08
O4D NDP B . -11.49 -7.99 -16.92
C3D NDP B . -13.66 -7.34 -17.57
O3D NDP B . -14.61 -8.39 -17.59
C2D NDP B . -13.37 -6.79 -16.20
O2D NDP B . -14.55 -6.78 -15.43
C1D NDP B . -12.26 -7.82 -15.74
N1N NDP B . -11.44 -7.27 -14.62
C2N NDP B . -10.27 -6.53 -14.95
C3N NDP B . -9.48 -6.01 -13.84
C7N NDP B . -8.25 -5.25 -14.11
O7N NDP B . -7.24 -5.29 -13.37
N7N NDP B . -8.16 -4.47 -15.22
C4N NDP B . -9.92 -6.27 -12.54
C5N NDP B . -11.07 -6.98 -12.25
C6N NDP B . -11.82 -7.48 -13.29
P2B NDP B . -5.15 -0.20 -22.88
O1X NDP B . -4.01 0.69 -23.00
O2X NDP B . -5.06 -1.66 -23.25
O3X NDP B . -5.29 0.00 -24.40
#